data_3CMP
#
_entry.id   3CMP
#
_cell.length_a   114.908
_cell.length_b   114.908
_cell.length_c   118.832
_cell.angle_alpha   90.00
_cell.angle_beta   90.00
_cell.angle_gamma   90.00
#
_symmetry.space_group_name_H-M   'P 41 21 2'
#
loop_
_entity.id
_entity.type
_entity.pdbx_description
1 polymer 'Neutrophil gelatinase-associated lipocalin'
2 non-polymer 'FE (III) ION'
3 non-polymer 'SODIUM ION'
4 non-polymer 'SULFATE ION'
5 non-polymer "N,N',N''-[(3S,7S,11S)-2,6,10-trioxo-1,5,9-trioxacyclododecane-3,7,11-triyl]tris(2,3-dihydroxybenzamide)"
6 non-polymer GLYCEROL
7 non-polymer '2,3-DIHYDROXY-BENZOIC ACID'
8 water water
#
_entity_poly.entity_id   1
_entity_poly.type   'polypeptide(L)'
_entity_poly.pdbx_seq_one_letter_code
;MPLGLLWLGLALLGALHAQAQDSTSDLIPAPPLSKVPLQQNFQDNQFQGKWYVVGLAGNAILREDKDPQKMYATIYELKE
DKSYNVTSVLFRKKKCDYWIRTFVPGSQPGEFTLGNIKSYPGLTSYLVRVVSTNYNQHAMVFFKAVSQNREYFKITLYGR
TKELTSELKENFIRFSKSLGLPENHIVFPVPIDQCIDG
;
_entity_poly.pdbx_strand_id   A,B,C
#
loop_
_chem_comp.id
_chem_comp.type
_chem_comp.name
_chem_comp.formula
DBH non-polymer '2,3-DIHYDROXY-BENZOIC ACID' 'C7 H6 O4'
EB4 non-polymer N,N',N''-[(3S,7S,11S)-2,6,10-trioxo-1,5,9-trioxacyclododecane-3,7,11-triyl]tris(2,3-dihydroxybenzamide) 'C30 H27 N3 O15'
FE non-polymer 'FE (III) ION' 'Fe 3'
GOL non-polymer GLYCEROL 'C3 H8 O3'
NA non-polymer 'SODIUM ION' 'Na 1'
SO4 non-polymer 'SULFATE ION' 'O4 S -2'
#
# COMPACT_ATOMS: atom_id res chain seq x y z
N SER A 25 -6.76 -35.26 -8.19
CA SER A 25 -6.65 -33.77 -8.14
C SER A 25 -7.99 -33.10 -7.81
N ASP A 26 -8.05 -32.45 -6.65
CA ASP A 26 -9.24 -31.71 -6.23
C ASP A 26 -9.00 -30.20 -6.33
N LEU A 27 -9.91 -29.51 -7.01
CA LEU A 27 -9.82 -28.07 -7.19
C LEU A 27 -11.07 -27.37 -6.65
N ILE A 28 -10.87 -26.19 -6.07
CA ILE A 28 -11.99 -25.33 -5.69
C ILE A 28 -12.70 -24.90 -6.98
N PRO A 29 -14.05 -24.90 -6.98
CA PRO A 29 -14.74 -24.62 -8.23
C PRO A 29 -14.52 -23.19 -8.72
N ALA A 30 -14.45 -23.03 -10.04
CA ALA A 30 -14.39 -21.71 -10.64
C ALA A 30 -15.67 -20.96 -10.29
N PRO A 31 -15.56 -19.67 -9.96
CA PRO A 31 -16.76 -18.92 -9.58
C PRO A 31 -17.61 -18.61 -10.80
N PRO A 32 -18.92 -18.37 -10.60
CA PRO A 32 -19.72 -17.92 -11.72
C PRO A 32 -19.24 -16.54 -12.16
N LEU A 33 -19.23 -16.32 -13.47
CA LEU A 33 -18.77 -15.05 -14.03
C LEU A 33 -19.49 -13.83 -13.45
N SER A 34 -20.73 -14.01 -12.99
CA SER A 34 -21.49 -12.95 -12.33
C SER A 34 -20.77 -12.34 -11.12
N LYS A 35 -20.01 -13.16 -10.40
CA LYS A 35 -19.26 -12.71 -9.21
C LYS A 35 -17.94 -12.00 -9.55
N VAL A 36 -17.61 -11.91 -10.84
CA VAL A 36 -16.40 -11.22 -11.30
C VAL A 36 -16.79 -9.94 -12.05
N PRO A 37 -16.59 -8.77 -11.42
CA PRO A 37 -16.91 -7.51 -12.09
C PRO A 37 -16.03 -7.22 -13.30
N LEU A 38 -16.39 -6.17 -14.04
CA LEU A 38 -15.65 -5.73 -15.21
C LEU A 38 -15.34 -4.24 -15.11
N GLN A 39 -14.08 -3.87 -15.37
CA GLN A 39 -13.67 -2.48 -15.36
C GLN A 39 -14.41 -1.69 -16.42
N GLN A 40 -15.13 -0.65 -16.00
CA GLN A 40 -15.96 0.15 -16.91
C GLN A 40 -15.09 1.00 -17.84
N ASN A 41 -15.55 1.17 -19.07
CA ASN A 41 -14.86 2.00 -20.05
C ASN A 41 -13.37 1.68 -20.09
N PHE A 42 -13.05 0.43 -20.42
CA PHE A 42 -11.68 -0.04 -20.42
C PHE A 42 -10.86 0.63 -21.53
N GLN A 43 -9.78 1.30 -21.13
CA GLN A 43 -8.87 1.96 -22.07
C GLN A 43 -7.68 1.05 -22.36
N ASP A 44 -7.79 0.29 -23.45
CA ASP A 44 -6.76 -0.70 -23.80
C ASP A 44 -5.37 -0.07 -23.97
N ASN A 45 -5.31 1.13 -24.54
CA ASN A 45 -4.03 1.84 -24.70
C ASN A 45 -3.37 2.20 -23.37
N GLN A 46 -4.18 2.55 -22.36
CA GLN A 46 -3.65 2.94 -21.05
C GLN A 46 -3.20 1.75 -20.20
N PHE A 47 -3.68 0.55 -20.54
CA PHE A 47 -3.30 -0.67 -19.82
C PHE A 47 -1.99 -1.27 -20.34
N GLN A 48 -1.44 -0.67 -21.40
CA GLN A 48 -0.15 -1.09 -21.93
C GLN A 48 0.98 -0.89 -20.93
N GLY A 49 2.03 -1.68 -21.07
CA GLY A 49 3.27 -1.50 -20.32
C GLY A 49 3.54 -2.63 -19.33
N LYS A 50 4.60 -2.44 -18.53
CA LYS A 50 5.03 -3.44 -17.57
C LYS A 50 4.19 -3.35 -16.29
N TRP A 51 3.73 -4.51 -15.82
CA TRP A 51 3.05 -4.63 -14.53
C TRP A 51 3.79 -5.66 -13.68
N TYR A 52 3.88 -5.40 -12.38
CA TYR A 52 4.46 -6.34 -11.42
C TYR A 52 3.37 -7.18 -10.78
N VAL A 53 3.61 -8.48 -10.68
CA VAL A 53 2.70 -9.37 -9.98
C VAL A 53 2.99 -9.30 -8.48
N VAL A 54 2.28 -8.39 -7.80
CA VAL A 54 2.44 -8.19 -6.36
C VAL A 54 1.56 -9.17 -5.55
N GLY A 55 0.49 -9.65 -6.18
CA GLY A 55 -0.41 -10.63 -5.55
C GLY A 55 -0.91 -11.71 -6.50
N LEU A 56 -1.01 -12.94 -6.00
CA LEU A 56 -1.49 -14.08 -6.78
C LEU A 56 -2.46 -14.93 -5.97
N ALA A 57 -3.64 -15.18 -6.54
CA ALA A 57 -4.67 -16.00 -5.89
C ALA A 57 -5.37 -16.90 -6.90
N GLY A 58 -5.54 -18.16 -6.55
CA GLY A 58 -6.20 -19.12 -7.45
C GLY A 58 -6.35 -20.52 -6.88
N ASN A 59 -7.13 -21.35 -7.57
CA ASN A 59 -7.38 -22.72 -7.12
C ASN A 59 -6.22 -23.69 -7.38
N ALA A 60 -5.27 -23.26 -8.22
CA ALA A 60 -4.03 -24.02 -8.46
C ALA A 60 -2.81 -23.31 -7.87
N ILE A 61 -3.05 -22.29 -7.04
CA ILE A 61 -1.98 -21.53 -6.39
C ILE A 61 -1.91 -21.89 -4.91
N LEU A 62 -0.71 -22.23 -4.45
CA LEU A 62 -0.49 -22.66 -3.06
C LEU A 62 0.63 -21.86 -2.39
N ARG A 63 0.45 -21.56 -1.10
CA ARG A 63 1.47 -20.89 -0.31
C ARG A 63 2.57 -21.89 0.07
N GLU A 64 3.82 -21.54 -0.21
CA GLU A 64 4.96 -22.42 0.04
C GLU A 64 6.01 -21.72 0.88
N ASP A 65 5.98 -21.96 2.18
CA ASP A 65 6.89 -21.29 3.13
C ASP A 65 8.36 -21.71 2.97
N LYS A 66 8.57 -22.92 2.44
CA LYS A 66 9.93 -23.43 2.18
C LYS A 66 10.61 -22.69 1.03
N ASP A 67 9.87 -22.53 -0.07
CA ASP A 67 10.36 -21.82 -1.27
C ASP A 67 9.31 -20.81 -1.74
N PRO A 68 9.25 -19.63 -1.10
CA PRO A 68 8.25 -18.62 -1.42
C PRO A 68 8.34 -18.09 -2.86
N GLN A 69 7.18 -17.84 -3.46
CA GLN A 69 7.10 -17.35 -4.84
C GLN A 69 7.88 -16.05 -5.02
N LYS A 70 8.71 -16.00 -6.06
CA LYS A 70 9.43 -14.78 -6.42
C LYS A 70 8.59 -13.95 -7.38
N MET A 71 8.67 -12.63 -7.22
CA MET A 71 7.90 -11.70 -8.05
C MET A 71 8.32 -11.81 -9.51
N TYR A 72 7.34 -11.66 -10.40
CA TYR A 72 7.58 -11.64 -11.84
C TYR A 72 6.77 -10.53 -12.51
N ALA A 73 7.19 -10.17 -13.71
CA ALA A 73 6.58 -9.05 -14.45
C ALA A 73 5.86 -9.54 -15.69
N THR A 74 4.83 -8.80 -16.09
CA THR A 74 4.06 -9.10 -17.29
C THR A 74 3.84 -7.82 -18.09
N ILE A 75 4.37 -7.81 -19.31
CA ILE A 75 4.31 -6.65 -20.19
C ILE A 75 3.18 -6.79 -21.19
N TYR A 76 2.32 -5.78 -21.26
CA TYR A 76 1.22 -5.71 -22.23
C TYR A 76 1.54 -4.66 -23.29
N GLU A 77 1.43 -5.03 -24.56
CA GLU A 77 1.66 -4.08 -25.66
C GLU A 77 0.63 -4.28 -26.77
N LEU A 78 -0.13 -3.22 -27.06
CA LEU A 78 -1.16 -3.26 -28.10
C LEU A 78 -0.54 -3.32 -29.50
N LYS A 79 -0.98 -4.29 -30.29
CA LYS A 79 -0.60 -4.38 -31.70
C LYS A 79 -1.51 -3.50 -32.55
N GLU A 80 -1.27 -3.47 -33.86
CA GLU A 80 -2.12 -2.72 -34.79
C GLU A 80 -3.57 -3.21 -34.75
N ASP A 81 -3.76 -4.52 -34.69
CA ASP A 81 -5.10 -5.12 -34.67
C ASP A 81 -5.79 -5.05 -33.30
N LYS A 82 -5.15 -4.39 -32.35
CA LYS A 82 -5.68 -4.16 -30.99
C LYS A 82 -5.76 -5.42 -30.12
N SER A 83 -4.96 -6.43 -30.45
CA SER A 83 -4.71 -7.55 -29.56
C SER A 83 -3.43 -7.25 -28.79
N TYR A 84 -3.27 -7.88 -27.64
CA TYR A 84 -2.07 -7.70 -26.81
C TYR A 84 -1.01 -8.75 -27.11
N ASN A 85 0.25 -8.35 -27.04
CA ASN A 85 1.37 -9.28 -26.90
C ASN A 85 1.75 -9.35 -25.44
N VAL A 86 1.25 -10.36 -24.73
CA VAL A 86 1.50 -10.50 -23.30
C VAL A 86 2.75 -11.33 -23.04
N THR A 87 3.82 -10.67 -22.61
CA THR A 87 5.09 -11.33 -22.29
C THR A 87 5.34 -11.33 -20.78
N SER A 88 5.37 -12.52 -20.19
CA SER A 88 5.74 -12.66 -18.79
C SER A 88 7.23 -12.97 -18.67
N VAL A 89 7.88 -12.34 -17.68
CA VAL A 89 9.30 -12.57 -17.42
C VAL A 89 9.50 -12.89 -15.95
N LEU A 90 9.99 -14.09 -15.67
CA LEU A 90 10.22 -14.55 -14.30
C LEU A 90 11.64 -15.07 -14.11
N PHE A 91 12.10 -15.02 -12.87
CA PHE A 91 13.45 -15.46 -12.49
C PHE A 91 13.39 -16.88 -11.94
N ARG A 92 13.87 -17.84 -12.74
CA ARG A 92 13.85 -19.25 -12.36
C ARG A 92 15.14 -19.95 -12.79
N LYS A 93 15.63 -20.84 -11.93
CA LYS A 93 16.83 -21.65 -12.22
C LYS A 93 18.05 -20.79 -12.59
N LYS A 94 18.19 -19.64 -11.93
CA LYS A 94 19.30 -18.70 -12.15
C LYS A 94 19.26 -17.97 -13.51
N LYS A 95 18.21 -18.19 -14.29
CA LYS A 95 18.07 -17.59 -15.62
C LYS A 95 16.74 -16.84 -15.71
N CYS A 96 16.44 -16.32 -16.89
CA CYS A 96 15.21 -15.56 -17.10
C CYS A 96 14.37 -16.09 -18.24
N ASP A 97 13.21 -16.66 -17.88
CA ASP A 97 12.33 -17.28 -18.84
C ASP A 97 11.34 -16.26 -19.38
N TYR A 98 11.12 -16.30 -20.69
CA TYR A 98 10.21 -15.37 -21.35
C TYR A 98 8.99 -16.11 -21.91
N TRP A 99 7.85 -15.87 -21.28
CA TRP A 99 6.60 -16.60 -21.55
C TRP A 99 5.63 -15.69 -22.32
N ILE A 100 5.58 -15.90 -23.63
CA ILE A 100 4.82 -15.04 -24.56
C ILE A 100 3.49 -15.65 -24.98
N ARG A 101 2.48 -14.80 -25.14
CA ARG A 101 1.15 -15.22 -25.58
C ARG A 101 0.33 -14.01 -26.02
N THR A 102 -0.81 -14.27 -26.68
CA THR A 102 -1.63 -13.20 -27.26
C THR A 102 -3.05 -13.19 -26.68
N PHE A 103 -3.48 -12.03 -26.19
CA PHE A 103 -4.85 -11.85 -25.73
C PHE A 103 -5.66 -11.13 -26.81
N VAL A 104 -6.63 -11.85 -27.36
CA VAL A 104 -7.54 -11.29 -28.37
C VAL A 104 -8.74 -10.69 -27.65
N PRO A 105 -9.17 -9.48 -28.07
CA PRO A 105 -10.35 -8.87 -27.46
C PRO A 105 -11.59 -9.76 -27.55
N GLY A 106 -12.29 -9.92 -26.44
CA GLY A 106 -13.45 -10.82 -26.36
C GLY A 106 -14.77 -10.09 -26.54
N SER A 107 -15.78 -10.55 -25.80
CA SER A 107 -17.15 -10.07 -25.94
C SER A 107 -17.33 -8.60 -25.56
N GLN A 108 -16.61 -8.16 -24.53
CA GLN A 108 -16.70 -6.78 -24.04
C GLN A 108 -15.29 -6.19 -23.92
N PRO A 109 -15.20 -4.85 -23.89
CA PRO A 109 -13.92 -4.22 -23.58
C PRO A 109 -13.47 -4.59 -22.17
N GLY A 110 -12.23 -5.06 -22.04
CA GLY A 110 -11.72 -5.57 -20.77
C GLY A 110 -11.64 -7.09 -20.75
N GLU A 111 -12.53 -7.74 -21.50
CA GLU A 111 -12.49 -9.20 -21.65
C GLU A 111 -11.63 -9.59 -22.83
N PHE A 112 -10.93 -10.71 -22.68
CA PHE A 112 -10.07 -11.25 -23.74
C PHE A 112 -10.12 -12.77 -23.78
N THR A 113 -9.72 -13.33 -24.91
CA THR A 113 -9.52 -14.77 -25.06
C THR A 113 -8.10 -15.01 -25.56
N LEU A 114 -7.59 -16.22 -25.36
CA LEU A 114 -6.23 -16.55 -25.76
C LEU A 114 -6.15 -16.85 -27.26
N GLY A 115 -5.24 -16.17 -27.95
CA GLY A 115 -4.99 -16.43 -29.37
C GLY A 115 -4.20 -17.70 -29.58
N ASN A 116 -4.45 -18.36 -30.71
CA ASN A 116 -3.77 -19.61 -31.07
CA ASN A 116 -3.77 -19.61 -31.07
C ASN A 116 -3.88 -20.66 -29.95
N ILE A 117 -5.11 -20.92 -29.53
CA ILE A 117 -5.38 -21.88 -28.44
C ILE A 117 -5.00 -23.32 -28.82
N LYS A 118 -5.05 -23.63 -30.12
CA LYS A 118 -4.72 -24.96 -30.63
C LYS A 118 -3.26 -25.38 -30.36
N SER A 119 -2.38 -24.40 -30.21
CA SER A 119 -0.96 -24.68 -29.96
C SER A 119 -0.64 -25.08 -28.52
N TYR A 120 -1.66 -25.11 -27.65
CA TYR A 120 -1.47 -25.51 -26.25
C TYR A 120 -2.15 -26.87 -25.97
N PRO A 121 -1.36 -27.95 -25.83
CA PRO A 121 -1.90 -29.29 -25.57
C PRO A 121 -2.87 -29.35 -24.39
N GLY A 122 -4.14 -29.67 -24.68
CA GLY A 122 -5.14 -29.88 -23.65
C GLY A 122 -6.05 -28.68 -23.39
N LEU A 123 -5.56 -27.48 -23.71
CA LEU A 123 -6.29 -26.24 -23.44
C LEU A 123 -7.46 -26.08 -24.41
N THR A 124 -8.68 -26.15 -23.88
CA THR A 124 -9.90 -26.01 -24.67
C THR A 124 -10.60 -24.66 -24.46
N SER A 125 -10.18 -23.91 -23.44
CA SER A 125 -10.79 -22.61 -23.13
C SER A 125 -9.87 -21.72 -22.30
N TYR A 126 -10.00 -20.40 -22.51
CA TYR A 126 -9.20 -19.42 -21.78
C TYR A 126 -9.88 -18.06 -21.77
N LEU A 127 -10.17 -17.55 -20.57
CA LEU A 127 -10.84 -16.26 -20.40
C LEU A 127 -10.01 -15.33 -19.53
N VAL A 128 -9.98 -14.06 -19.93
CA VAL A 128 -9.33 -13.01 -19.16
C VAL A 128 -10.34 -11.87 -18.97
N ARG A 129 -10.41 -11.33 -17.76
CA ARG A 129 -11.30 -10.21 -17.46
C ARG A 129 -10.64 -9.23 -16.50
N VAL A 130 -10.43 -8.00 -16.97
CA VAL A 130 -9.88 -6.93 -16.15
C VAL A 130 -10.95 -6.46 -15.17
N VAL A 131 -10.79 -6.83 -13.89
CA VAL A 131 -11.79 -6.54 -12.86
C VAL A 131 -11.84 -5.05 -12.53
N SER A 132 -10.68 -4.49 -12.21
CA SER A 132 -10.55 -3.05 -11.94
C SER A 132 -9.11 -2.58 -12.14
N THR A 133 -8.96 -1.33 -12.54
CA THR A 133 -7.65 -0.70 -12.70
C THR A 133 -7.75 0.82 -12.79
N ASN A 134 -6.73 1.49 -12.27
CA ASN A 134 -6.54 2.93 -12.48
C ASN A 134 -5.39 3.21 -13.45
N TYR A 135 -4.90 2.15 -14.10
CA TYR A 135 -3.96 2.25 -15.23
C TYR A 135 -2.53 2.67 -14.88
N ASN A 136 -2.33 3.52 -13.87
CA ASN A 136 -1.00 4.03 -13.54
C ASN A 136 -0.43 3.56 -12.19
N GLN A 137 -1.23 2.80 -11.44
CA GLN A 137 -0.80 2.30 -10.13
C GLN A 137 -1.11 0.82 -9.90
N HIS A 138 -2.34 0.41 -10.20
CA HIS A 138 -2.78 -0.95 -9.88
C HIS A 138 -3.82 -1.52 -10.85
N ALA A 139 -4.02 -2.83 -10.76
CA ALA A 139 -5.00 -3.54 -11.56
C ALA A 139 -5.26 -4.92 -10.96
N MET A 140 -6.51 -5.37 -11.04
CA MET A 140 -6.87 -6.75 -10.73
C MET A 140 -7.43 -7.40 -11.99
N VAL A 141 -6.84 -8.53 -12.37
CA VAL A 141 -7.25 -9.25 -13.57
C VAL A 141 -7.66 -10.66 -13.20
N PHE A 142 -8.85 -11.06 -13.64
CA PHE A 142 -9.38 -12.40 -13.41
C PHE A 142 -9.11 -13.28 -14.63
N PHE A 143 -8.46 -14.41 -14.40
CA PHE A 143 -8.19 -15.39 -15.47
C PHE A 143 -8.94 -16.69 -15.20
N LYS A 144 -9.29 -17.40 -16.26
CA LYS A 144 -9.96 -18.70 -16.14
C LYS A 144 -9.67 -19.59 -17.34
N ALA A 145 -9.05 -20.74 -17.08
CA ALA A 145 -8.58 -21.64 -18.13
C ALA A 145 -9.06 -23.07 -17.91
N VAL A 146 -9.53 -23.70 -18.99
CA VAL A 146 -9.92 -25.12 -18.96
C VAL A 146 -8.86 -25.92 -19.71
N SER A 147 -8.02 -26.61 -18.95
CA SER A 147 -6.98 -27.47 -19.48
C SER A 147 -7.18 -28.88 -18.95
N GLN A 148 -7.11 -29.85 -19.86
CA GLN A 148 -7.29 -31.27 -19.51
C GLN A 148 -8.65 -31.51 -18.84
N ASN A 149 -9.65 -30.74 -19.25
CA ASN A 149 -11.00 -30.75 -18.64
C ASN A 149 -11.06 -30.23 -17.20
N ARG A 150 -9.93 -29.81 -16.64
CA ARG A 150 -9.88 -29.24 -15.30
C ARG A 150 -10.04 -27.73 -15.40
N GLU A 151 -11.00 -27.19 -14.64
CA GLU A 151 -11.28 -25.76 -14.66
C GLU A 151 -10.42 -25.03 -13.64
N TYR A 152 -9.42 -24.29 -14.14
CA TYR A 152 -8.56 -23.47 -13.31
C TYR A 152 -8.97 -22.00 -13.39
N PHE A 153 -8.83 -21.28 -12.28
CA PHE A 153 -9.03 -19.83 -12.27
C PHE A 153 -8.05 -19.15 -11.33
N LYS A 154 -7.69 -17.91 -11.65
CA LYS A 154 -6.80 -17.13 -10.79
C LYS A 154 -7.09 -15.63 -10.89
N ILE A 155 -6.69 -14.90 -9.85
CA ILE A 155 -6.74 -13.45 -9.83
C ILE A 155 -5.35 -12.93 -9.55
N THR A 156 -4.80 -12.11 -10.44
CA THR A 156 -3.49 -11.49 -10.19
C THR A 156 -3.68 -10.04 -9.81
N LEU A 157 -2.94 -9.61 -8.79
CA LEU A 157 -2.97 -8.23 -8.33
C LEU A 157 -1.78 -7.50 -8.94
N TYR A 158 -2.02 -6.82 -10.05
CA TYR A 158 -0.97 -6.12 -10.77
C TYR A 158 -0.62 -4.80 -10.08
N GLY A 159 0.68 -4.52 -9.99
CA GLY A 159 1.18 -3.28 -9.43
C GLY A 159 2.14 -2.62 -10.41
N ARG A 160 2.07 -1.30 -10.52
CA ARG A 160 2.94 -0.57 -11.43
C ARG A 160 4.35 -0.47 -10.84
N THR A 161 4.42 -0.36 -9.52
CA THR A 161 5.65 -0.52 -8.77
C THR A 161 5.62 -1.89 -8.10
N LYS A 162 6.73 -2.30 -7.49
CA LYS A 162 6.83 -3.60 -6.83
C LYS A 162 6.04 -3.65 -5.52
N GLU A 163 5.90 -2.49 -4.87
CA GLU A 163 5.18 -2.39 -3.60
C GLU A 163 3.82 -1.74 -3.84
N LEU A 164 2.82 -2.16 -3.05
CA LEU A 164 1.51 -1.53 -3.05
C LEU A 164 1.00 -1.35 -1.62
N THR A 165 -0.01 -0.50 -1.47
CA THR A 165 -0.54 -0.16 -0.15
C THR A 165 -1.26 -1.35 0.49
N SER A 166 -1.34 -1.34 1.81
CA SER A 166 -2.03 -2.40 2.56
C SER A 166 -3.51 -2.47 2.20
N GLU A 167 -4.11 -1.31 1.94
CA GLU A 167 -5.52 -1.24 1.54
C GLU A 167 -5.75 -2.04 0.26
N LEU A 168 -4.96 -1.74 -0.77
CA LEU A 168 -5.05 -2.42 -2.06
C LEU A 168 -4.85 -3.94 -1.92
N LYS A 169 -3.89 -4.34 -1.08
CA LYS A 169 -3.63 -5.76 -0.84
C LYS A 169 -4.75 -6.42 -0.05
N GLU A 170 -5.29 -5.72 0.95
CA GLU A 170 -6.43 -6.24 1.72
C GLU A 170 -7.68 -6.36 0.85
N ASN A 171 -7.87 -5.38 -0.04
CA ASN A 171 -8.96 -5.45 -1.02
C ASN A 171 -8.84 -6.68 -1.92
N PHE A 172 -7.61 -6.96 -2.35
CA PHE A 172 -7.31 -8.14 -3.16
C PHE A 172 -7.57 -9.45 -2.39
N ILE A 173 -7.23 -9.46 -1.11
CA ILE A 173 -7.52 -10.60 -0.25
C ILE A 173 -9.03 -10.79 -0.10
N ARG A 174 -9.75 -9.67 0.08
CA ARG A 174 -11.20 -9.70 0.23
C ARG A 174 -11.89 -10.26 -1.01
N PHE A 175 -11.49 -9.76 -2.18
CA PHE A 175 -12.07 -10.19 -3.46
C PHE A 175 -11.78 -11.66 -3.73
N SER A 176 -10.54 -12.08 -3.50
CA SER A 176 -10.14 -13.48 -3.68
C SER A 176 -11.02 -14.41 -2.85
N LYS A 177 -11.27 -14.03 -1.61
CA LYS A 177 -12.13 -14.82 -0.71
C LYS A 177 -13.58 -14.86 -1.17
N SER A 178 -14.06 -13.76 -1.76
CA SER A 178 -15.43 -13.72 -2.28
C SER A 178 -15.65 -14.73 -3.41
N LEU A 179 -14.57 -15.21 -4.01
CA LEU A 179 -14.62 -16.24 -5.06
C LEU A 179 -14.29 -17.65 -4.53
N GLY A 180 -14.32 -17.83 -3.21
CA GLY A 180 -14.19 -19.15 -2.60
C GLY A 180 -12.78 -19.58 -2.20
N LEU A 181 -11.79 -18.72 -2.43
CA LEU A 181 -10.39 -19.07 -2.15
C LEU A 181 -10.03 -18.78 -0.69
N PRO A 182 -9.46 -19.78 0.02
CA PRO A 182 -8.99 -19.54 1.38
C PRO A 182 -7.65 -18.81 1.43
N GLU A 183 -7.13 -18.61 2.63
CA GLU A 183 -5.92 -17.81 2.84
C GLU A 183 -4.67 -18.42 2.21
N ASN A 184 -4.50 -19.74 2.36
CA ASN A 184 -3.34 -20.44 1.81
C ASN A 184 -3.34 -20.58 0.29
N HIS A 185 -4.43 -20.17 -0.36
CA HIS A 185 -4.47 -20.06 -1.82
C HIS A 185 -4.19 -18.63 -2.34
N ILE A 186 -3.74 -17.75 -1.43
CA ILE A 186 -3.42 -16.37 -1.78
C ILE A 186 -2.00 -16.03 -1.38
N VAL A 187 -1.13 -15.80 -2.36
CA VAL A 187 0.27 -15.47 -2.09
C VAL A 187 0.64 -14.08 -2.59
N PHE A 188 1.64 -13.50 -1.94
CA PHE A 188 2.21 -12.21 -2.35
C PHE A 188 3.67 -12.42 -2.68
N PRO A 189 4.00 -12.56 -3.98
CA PRO A 189 5.38 -12.78 -4.41
C PRO A 189 6.36 -11.76 -3.84
N VAL A 190 7.52 -12.24 -3.39
CA VAL A 190 8.54 -11.37 -2.80
C VAL A 190 9.29 -10.59 -3.90
N PRO A 191 9.39 -9.26 -3.75
CA PRO A 191 10.13 -8.43 -4.71
C PRO A 191 11.57 -8.90 -4.97
N ILE A 192 11.98 -8.86 -6.23
CA ILE A 192 13.35 -9.15 -6.63
C ILE A 192 13.83 -8.11 -7.65
N ASP A 193 15.14 -8.09 -7.91
CA ASP A 193 15.73 -7.18 -8.89
C ASP A 193 16.11 -7.89 -10.20
N GLN A 194 16.24 -9.21 -10.15
CA GLN A 194 16.60 -10.00 -11.32
C GLN A 194 15.51 -9.92 -12.40
N CYS A 195 15.86 -9.37 -13.55
CA CYS A 195 15.06 -9.43 -14.78
C CYS A 195 13.72 -8.69 -14.86
N ILE A 196 13.05 -8.49 -13.73
CA ILE A 196 11.77 -7.75 -13.75
C ILE A 196 11.98 -6.24 -13.83
N ASP A 197 13.23 -5.79 -13.69
CA ASP A 197 13.60 -4.41 -13.97
C ASP A 197 14.08 -4.30 -15.42
N GLY A 198 13.84 -3.15 -16.03
CA GLY A 198 14.23 -2.91 -17.44
C GLY A 198 13.11 -3.25 -18.40
N SER B 25 -1.51 -29.03 24.23
CA SER B 25 -0.10 -29.17 23.77
C SER B 25 -0.08 -29.46 22.26
N ASP B 26 0.83 -28.85 21.49
CA ASP B 26 1.82 -27.88 21.98
C ASP B 26 1.31 -26.45 21.87
N LEU B 27 2.03 -25.51 22.50
CA LEU B 27 1.65 -24.09 22.49
C LEU B 27 2.61 -23.26 21.64
N ILE B 28 2.04 -22.33 20.86
CA ILE B 28 2.82 -21.37 20.09
C ILE B 28 3.52 -20.42 21.05
N PRO B 29 4.82 -20.13 20.83
CA PRO B 29 5.56 -19.37 21.82
C PRO B 29 5.00 -17.98 22.07
N ALA B 30 5.03 -17.54 23.33
CA ALA B 30 4.62 -16.19 23.69
C ALA B 30 5.69 -15.22 23.21
N PRO B 31 5.29 -14.07 22.63
CA PRO B 31 6.27 -13.12 22.11
C PRO B 31 6.89 -12.30 23.22
N PRO B 32 8.14 -11.84 23.04
CA PRO B 32 8.72 -10.90 24.00
C PRO B 32 7.86 -9.65 24.18
N LEU B 33 7.86 -9.10 25.39
CA LEU B 33 7.06 -7.91 25.71
C LEU B 33 7.52 -6.69 24.91
N SER B 34 8.78 -6.70 24.47
CA SER B 34 9.31 -5.66 23.58
C SER B 34 8.58 -5.64 22.22
N LYS B 35 8.14 -6.80 21.77
CA LYS B 35 7.43 -6.94 20.50
C LYS B 35 5.97 -6.45 20.57
N VAL B 36 5.45 -6.27 21.79
CA VAL B 36 4.09 -5.79 22.01
C VAL B 36 4.10 -4.32 22.48
N PRO B 37 3.61 -3.39 21.63
CA PRO B 37 3.58 -1.98 22.03
C PRO B 37 2.63 -1.67 23.19
N LEU B 38 2.89 -0.55 23.86
CA LEU B 38 2.04 -0.06 24.95
C LEU B 38 1.37 1.24 24.52
N GLN B 39 0.08 1.37 24.86
CA GLN B 39 -0.68 2.59 24.53
C GLN B 39 0.00 3.83 25.13
N GLN B 40 0.31 4.78 24.25
CA GLN B 40 1.06 5.97 24.63
C GLN B 40 0.17 6.96 25.37
N ASN B 41 0.59 7.33 26.58
CA ASN B 41 -0.15 8.25 27.45
C ASN B 41 -1.57 7.73 27.70
N PHE B 42 -1.66 6.64 28.44
CA PHE B 42 -2.93 5.94 28.67
C PHE B 42 -3.86 6.73 29.59
N GLN B 43 -5.11 6.89 29.15
CA GLN B 43 -6.14 7.58 29.92
C GLN B 43 -7.09 6.56 30.53
N ASP B 44 -7.02 6.42 31.85
CA ASP B 44 -7.83 5.41 32.56
C ASP B 44 -9.32 5.79 32.63
N ASN B 45 -9.59 7.08 32.83
CA ASN B 45 -10.98 7.56 32.93
C ASN B 45 -11.74 7.48 31.60
N GLN B 46 -11.04 7.73 30.50
CA GLN B 46 -11.63 7.60 29.17
C GLN B 46 -11.82 6.13 28.76
N PHE B 47 -10.95 5.26 29.26
CA PHE B 47 -11.01 3.83 28.96
C PHE B 47 -12.17 3.13 29.69
N GLN B 48 -12.59 3.70 30.82
CA GLN B 48 -13.65 3.11 31.65
C GLN B 48 -14.97 2.98 30.88
N GLY B 49 -15.61 1.83 30.99
CA GLY B 49 -16.91 1.59 30.36
C GLY B 49 -17.14 0.14 29.96
N LYS B 50 -18.05 -0.07 29.02
CA LYS B 50 -18.41 -1.41 28.55
C LYS B 50 -17.93 -1.65 27.13
N TRP B 51 -17.20 -2.75 26.93
CA TRP B 51 -16.67 -3.13 25.62
C TRP B 51 -17.26 -4.44 25.12
N TYR B 52 -17.38 -4.55 23.80
CA TYR B 52 -17.77 -5.79 23.15
C TYR B 52 -16.52 -6.45 22.58
N VAL B 53 -16.30 -7.72 22.90
CA VAL B 53 -15.15 -8.48 22.42
C VAL B 53 -15.34 -8.83 20.94
N VAL B 54 -15.02 -7.87 20.08
CA VAL B 54 -15.17 -8.03 18.62
C VAL B 54 -14.06 -8.89 18.00
N GLY B 55 -12.93 -9.00 18.71
CA GLY B 55 -11.80 -9.82 18.25
C GLY B 55 -11.31 -10.76 19.34
N LEU B 56 -10.74 -11.89 18.91
CA LEU B 56 -10.22 -12.93 19.81
C LEU B 56 -9.12 -13.72 19.11
N ALA B 57 -7.87 -13.45 19.46
CA ALA B 57 -6.72 -14.14 18.86
C ALA B 57 -5.72 -14.54 19.94
N GLY B 58 -5.39 -15.83 20.01
CA GLY B 58 -4.41 -16.32 20.98
C GLY B 58 -3.95 -17.74 20.70
N ASN B 59 -2.90 -18.16 21.42
CA ASN B 59 -2.31 -19.50 21.24
C ASN B 59 -3.22 -20.63 21.73
N ALA B 60 -4.12 -20.32 22.67
CA ALA B 60 -5.06 -21.30 23.22
C ALA B 60 -6.48 -21.13 22.70
N ILE B 61 -6.70 -20.16 21.83
CA ILE B 61 -8.02 -19.93 21.22
C ILE B 61 -8.22 -20.97 20.12
N LEU B 62 -9.44 -21.07 19.58
CA LEU B 62 -9.73 -22.00 18.50
C LEU B 62 -10.80 -21.46 17.54
N ARG B 63 -10.47 -21.41 16.25
CA ARG B 63 -11.42 -21.03 15.21
C ARG B 63 -12.14 -22.28 14.68
N GLU B 64 -13.06 -22.80 15.50
CA GLU B 64 -13.83 -23.99 15.16
C GLU B 64 -15.15 -23.63 14.51
N PRO B 68 -19.16 -21.79 16.19
CA PRO B 68 -19.90 -20.54 16.34
C PRO B 68 -19.62 -19.85 17.68
N GLN B 69 -18.64 -18.98 17.70
CA GLN B 69 -18.25 -18.26 18.92
C GLN B 69 -19.20 -17.10 19.19
N LYS B 70 -20.08 -17.28 20.19
CA LYS B 70 -21.04 -16.25 20.57
C LYS B 70 -20.35 -15.10 21.30
N MET B 71 -20.75 -13.87 20.96
CA MET B 71 -20.10 -12.68 21.50
C MET B 71 -20.41 -12.45 22.97
N TYR B 72 -19.40 -11.99 23.70
CA TYR B 72 -19.55 -11.59 25.10
C TYR B 72 -18.98 -10.19 25.29
N ALA B 73 -19.38 -9.52 26.36
CA ALA B 73 -18.92 -8.16 26.66
C ALA B 73 -18.14 -8.14 27.96
N THR B 74 -17.18 -7.21 28.04
CA THR B 74 -16.40 -6.99 29.25
C THR B 74 -16.56 -5.55 29.70
N ILE B 75 -16.96 -5.36 30.96
CA ILE B 75 -17.19 -4.04 31.53
C ILE B 75 -16.02 -3.63 32.42
N TYR B 76 -15.35 -2.54 32.05
CA TYR B 76 -14.24 -1.99 32.82
C TYR B 76 -14.77 -1.11 33.96
N GLU B 77 -15.16 -1.75 35.06
CA GLU B 77 -15.66 -1.04 36.23
C GLU B 77 -14.52 -0.39 37.00
N LEU B 78 -14.23 0.87 36.69
CA LEU B 78 -13.12 1.60 37.30
C LEU B 78 -13.44 2.00 38.73
N LYS B 79 -12.83 1.31 39.70
CA LYS B 79 -13.03 1.60 41.11
C LYS B 79 -12.53 3.00 41.49
N GLU B 80 -12.94 3.47 42.66
CA GLU B 80 -12.53 4.78 43.17
C GLU B 80 -11.04 4.86 43.52
N ASP B 81 -10.44 3.71 43.81
CA ASP B 81 -9.00 3.64 44.15
C ASP B 81 -8.08 3.45 42.93
N LYS B 82 -8.57 3.84 41.75
CA LYS B 82 -7.81 3.77 40.50
C LYS B 82 -7.67 2.35 39.92
N SER B 83 -8.34 1.37 40.55
CA SER B 83 -8.29 -0.02 40.11
C SER B 83 -9.44 -0.29 39.13
N TYR B 84 -9.41 -1.50 38.55
CA TYR B 84 -10.45 -1.93 37.60
C TYR B 84 -11.16 -3.19 38.07
N ASN B 85 -12.45 -3.06 38.40
CA ASN B 85 -13.28 -4.20 38.75
C ASN B 85 -13.91 -4.81 37.50
N VAL B 86 -13.12 -5.60 36.78
CA VAL B 86 -13.52 -6.13 35.48
C VAL B 86 -14.49 -7.31 35.60
N THR B 87 -15.66 -7.16 34.97
CA THR B 87 -16.68 -8.22 34.94
C THR B 87 -17.09 -8.51 33.50
N SER B 88 -17.20 -9.79 33.16
CA SER B 88 -17.48 -10.23 31.79
C SER B 88 -18.81 -10.97 31.69
N VAL B 89 -19.74 -10.41 30.93
CA VAL B 89 -21.05 -11.02 30.71
C VAL B 89 -21.00 -12.00 29.55
N LEU B 90 -21.20 -13.27 29.86
CA LEU B 90 -21.22 -14.35 28.86
C LEU B 90 -22.59 -15.01 28.82
N PHE B 91 -23.11 -15.22 27.60
CA PHE B 91 -24.39 -15.88 27.39
C PHE B 91 -24.12 -17.36 27.07
N ARG B 92 -24.58 -18.25 27.96
CA ARG B 92 -24.20 -19.67 27.84
C ARG B 92 -25.15 -20.67 28.52
N LYS B 93 -25.85 -21.46 27.70
CA LYS B 93 -26.49 -22.72 28.10
C LYS B 93 -27.46 -22.72 29.31
N LYS B 94 -28.55 -21.96 29.28
CA LYS B 94 -28.81 -20.87 28.33
C LYS B 94 -29.05 -19.62 29.17
N LYS B 95 -28.24 -19.49 30.22
CA LYS B 95 -28.33 -18.39 31.18
C LYS B 95 -27.26 -17.35 30.90
N CYS B 96 -27.21 -16.30 31.71
CA CYS B 96 -26.20 -15.25 31.56
C CYS B 96 -25.30 -15.19 32.79
N ASP B 97 -24.06 -15.65 32.61
CA ASP B 97 -23.10 -15.78 33.70
C ASP B 97 -22.18 -14.56 33.79
N TYR B 98 -21.90 -14.12 35.01
CA TYR B 98 -21.04 -12.96 35.26
C TYR B 98 -19.76 -13.38 35.97
N TRP B 99 -18.68 -13.48 35.20
CA TRP B 99 -17.36 -13.79 35.76
C TRP B 99 -16.65 -12.49 36.14
N ILE B 100 -16.39 -12.33 37.44
CA ILE B 100 -15.79 -11.10 37.96
C ILE B 100 -14.30 -11.29 38.28
N ARG B 101 -13.49 -10.31 37.88
CA ARG B 101 -12.07 -10.27 38.18
C ARG B 101 -11.65 -8.85 38.52
N THR B 102 -10.41 -8.67 38.95
CA THR B 102 -9.88 -7.35 39.31
C THR B 102 -8.53 -7.12 38.65
N PHE B 103 -8.39 -6.00 37.93
CA PHE B 103 -7.11 -5.58 37.36
C PHE B 103 -6.54 -4.43 38.17
N VAL B 104 -5.32 -4.60 38.67
CA VAL B 104 -4.62 -3.56 39.43
C VAL B 104 -3.56 -2.91 38.53
N PRO B 105 -3.47 -1.56 38.53
CA PRO B 105 -2.46 -0.87 37.74
C PRO B 105 -1.03 -1.37 37.97
N GLY B 106 -0.24 -1.41 36.89
CA GLY B 106 1.13 -1.91 36.95
C GLY B 106 2.17 -0.80 37.06
N SER B 107 3.34 -1.03 36.47
CA SER B 107 4.46 -0.08 36.52
C SER B 107 4.10 1.22 35.80
N GLN B 108 3.67 1.08 34.54
CA GLN B 108 3.29 2.22 33.71
C GLN B 108 1.78 2.22 33.47
N PRO B 109 1.20 3.38 33.10
CA PRO B 109 -0.22 3.43 32.78
C PRO B 109 -0.53 2.64 31.51
N GLY B 110 -1.58 1.83 31.55
CA GLY B 110 -1.94 0.92 30.47
C GLY B 110 -1.58 -0.53 30.78
N GLU B 111 -0.69 -0.73 31.75
CA GLU B 111 -0.30 -2.06 32.22
C GLU B 111 -1.13 -2.43 33.45
N PHE B 112 -1.53 -3.69 33.55
CA PHE B 112 -2.30 -4.17 34.70
C PHE B 112 -1.90 -5.58 35.15
N THR B 113 -2.01 -5.82 36.45
CA THR B 113 -1.77 -7.14 37.04
C THR B 113 -3.08 -7.71 37.59
N LEU B 114 -3.13 -9.03 37.76
CA LEU B 114 -4.34 -9.70 38.23
C LEU B 114 -4.51 -9.52 39.75
N GLY B 115 -5.69 -9.05 40.16
CA GLY B 115 -6.02 -8.87 41.57
C GLY B 115 -6.34 -10.21 42.22
N ASN B 116 -5.82 -10.41 43.42
CA ASN B 116 -5.92 -11.71 44.12
C ASN B 116 -5.49 -12.87 43.21
N ILE B 117 -4.33 -12.71 42.59
CA ILE B 117 -3.75 -13.72 41.69
C ILE B 117 -3.51 -15.05 42.43
N LYS B 118 -3.18 -14.97 43.70
CA LYS B 118 -2.96 -16.16 44.54
C LYS B 118 -4.25 -16.97 44.73
N SER B 119 -5.39 -16.29 44.74
CA SER B 119 -6.70 -16.95 44.88
C SER B 119 -6.99 -17.91 43.73
N TYR B 120 -6.48 -17.60 42.55
CA TYR B 120 -6.64 -18.46 41.38
C TYR B 120 -5.68 -19.64 41.45
N PRO B 121 -6.19 -20.88 41.51
CA PRO B 121 -5.31 -22.04 41.57
C PRO B 121 -4.61 -22.33 40.24
N GLY B 122 -3.29 -22.49 40.28
CA GLY B 122 -2.49 -22.79 39.09
C GLY B 122 -1.86 -21.56 38.46
N LEU B 123 -2.48 -20.40 38.64
CA LEU B 123 -2.00 -19.14 38.06
C LEU B 123 -0.79 -18.60 38.82
N THR B 124 0.39 -18.69 38.18
CA THR B 124 1.64 -18.20 38.77
C THR B 124 1.99 -16.79 38.28
N SER B 125 1.69 -16.51 37.00
CA SER B 125 1.87 -15.17 36.43
C SER B 125 0.68 -14.76 35.57
N TYR B 126 0.42 -13.45 35.54
CA TYR B 126 -0.64 -12.88 34.70
C TYR B 126 -0.30 -11.42 34.38
N LEU B 127 -0.45 -11.05 33.11
CA LEU B 127 -0.08 -9.72 32.64
C LEU B 127 -1.12 -9.17 31.66
N VAL B 128 -1.41 -7.88 31.79
CA VAL B 128 -2.34 -7.18 30.90
C VAL B 128 -1.66 -5.94 30.34
N ARG B 129 -1.80 -5.76 29.02
CA ARG B 129 -1.10 -4.69 28.31
C ARG B 129 -2.00 -4.08 27.23
N VAL B 130 -2.45 -2.85 27.48
CA VAL B 130 -3.27 -2.14 26.50
C VAL B 130 -2.38 -1.68 25.35
N VAL B 131 -2.59 -2.28 24.18
CA VAL B 131 -1.71 -2.07 23.03
C VAL B 131 -1.98 -0.73 22.35
N SER B 132 -3.21 -0.56 21.86
CA SER B 132 -3.59 0.65 21.14
C SER B 132 -5.10 0.89 21.25
N THR B 133 -5.47 2.13 21.59
CA THR B 133 -6.87 2.50 21.71
C THR B 133 -7.08 3.99 21.46
N ASN B 134 -8.23 4.32 20.85
CA ASN B 134 -8.70 5.70 20.75
C ASN B 134 -9.85 5.97 21.72
N TYR B 135 -10.14 4.98 22.58
CA TYR B 135 -11.14 5.09 23.65
C TYR B 135 -12.62 5.11 23.20
N ASN B 136 -12.88 5.71 22.04
CA ASN B 136 -14.24 5.93 21.55
C ASN B 136 -14.71 4.89 20.54
N GLN B 137 -13.81 4.50 19.65
CA GLN B 137 -14.14 3.54 18.59
C GLN B 137 -13.64 2.14 18.92
N HIS B 138 -12.33 2.03 19.16
CA HIS B 138 -11.67 0.73 19.29
C HIS B 138 -10.60 0.68 20.38
N ALA B 139 -10.16 -0.54 20.68
CA ALA B 139 -9.09 -0.78 21.66
C ALA B 139 -8.52 -2.19 21.47
N MET B 140 -7.22 -2.34 21.74
CA MET B 140 -6.55 -3.65 21.69
C MET B 140 -5.77 -3.91 22.97
N VAL B 141 -6.08 -5.02 23.63
CA VAL B 141 -5.43 -5.38 24.89
C VAL B 141 -4.76 -6.75 24.79
N PHE B 142 -3.49 -6.81 25.19
CA PHE B 142 -2.72 -8.05 25.20
C PHE B 142 -2.75 -8.67 26.60
N PHE B 143 -3.14 -9.94 26.67
CA PHE B 143 -3.22 -10.66 27.94
C PHE B 143 -2.25 -11.84 27.94
N LYS B 144 -1.29 -11.82 28.86
CA LYS B 144 -0.37 -12.95 29.06
C LYS B 144 -0.64 -13.63 30.40
N ALA B 145 -0.33 -14.92 30.48
CA ALA B 145 -0.56 -15.67 31.73
C ALA B 145 0.16 -17.03 31.72
N VAL B 146 0.96 -17.27 32.76
CA VAL B 146 1.61 -18.56 32.97
C VAL B 146 0.78 -19.40 33.94
N SER B 147 0.25 -20.52 33.45
CA SER B 147 -0.58 -21.41 34.28
C SER B 147 -0.07 -22.85 34.17
N GLN B 148 0.27 -23.44 35.32
CA GLN B 148 0.83 -24.79 35.37
C GLN B 148 2.04 -24.92 34.44
N ASN B 149 2.94 -23.94 34.52
CA ASN B 149 4.19 -23.91 33.74
C ASN B 149 3.98 -23.82 32.21
N ARG B 150 2.81 -23.32 31.80
CA ARG B 150 2.50 -23.12 30.39
C ARG B 150 2.20 -21.64 30.13
N GLU B 151 2.96 -21.03 29.22
CA GLU B 151 2.80 -19.62 28.88
C GLU B 151 1.70 -19.41 27.86
N TYR B 152 0.56 -18.89 28.31
CA TYR B 152 -0.57 -18.57 27.45
C TYR B 152 -0.60 -17.07 27.12
N PHE B 153 -1.21 -16.73 25.99
CA PHE B 153 -1.44 -15.33 25.64
C PHE B 153 -2.61 -15.17 24.67
N LYS B 154 -3.18 -13.97 24.63
CA LYS B 154 -4.22 -13.64 23.65
C LYS B 154 -4.37 -12.12 23.44
N ILE B 155 -4.96 -11.79 22.30
CA ILE B 155 -5.29 -10.40 21.95
C ILE B 155 -6.78 -10.32 21.69
N THR B 156 -7.41 -9.26 22.20
CA THR B 156 -8.82 -8.99 21.94
C THR B 156 -8.98 -7.60 21.34
N LEU B 157 -9.66 -7.53 20.20
CA LEU B 157 -10.00 -6.25 19.58
C LEU B 157 -11.31 -5.76 20.17
N TYR B 158 -11.21 -4.90 21.17
CA TYR B 158 -12.37 -4.35 21.85
C TYR B 158 -13.02 -3.25 21.01
N GLY B 159 -14.35 -3.17 21.08
CA GLY B 159 -15.11 -2.15 20.37
C GLY B 159 -16.31 -1.68 21.19
N ARG B 160 -16.56 -0.38 21.16
CA ARG B 160 -17.70 0.20 21.87
C ARG B 160 -19.02 -0.24 21.24
N THR B 161 -19.01 -0.38 19.91
CA THR B 161 -20.15 -0.94 19.17
C THR B 161 -19.94 -2.44 18.96
N LYS B 162 -20.94 -3.09 18.37
CA LYS B 162 -20.88 -4.53 18.09
C LYS B 162 -20.16 -4.87 16.78
N GLU B 163 -19.84 -3.84 15.98
CA GLU B 163 -19.15 -4.03 14.70
C GLU B 163 -18.06 -2.97 14.50
N LEU B 164 -17.17 -3.22 13.53
CA LEU B 164 -16.06 -2.31 13.24
C LEU B 164 -15.57 -2.44 11.80
N THR B 165 -14.81 -1.45 11.35
CA THR B 165 -14.29 -1.40 9.99
C THR B 165 -13.09 -2.33 9.77
N SER B 166 -12.67 -2.44 8.51
CA SER B 166 -11.53 -3.28 8.14
C SER B 166 -10.21 -2.63 8.56
N GLU B 167 -9.83 -2.84 9.82
CA GLU B 167 -8.61 -2.26 10.38
C GLU B 167 -8.59 -2.34 11.91
N ASN B 171 -9.09 -6.41 10.59
CA ASN B 171 -7.96 -5.50 10.39
C ASN B 171 -6.81 -5.69 11.39
N PHE B 172 -7.12 -6.27 12.55
CA PHE B 172 -6.12 -6.56 13.59
C PHE B 172 -5.48 -7.95 13.42
N ILE B 173 -5.79 -8.63 12.32
CA ILE B 173 -5.15 -9.89 11.97
C ILE B 173 -3.66 -9.67 11.64
N ARG B 174 -3.34 -8.49 11.12
CA ARG B 174 -1.96 -8.10 10.83
C ARG B 174 -1.11 -8.04 12.12
N PHE B 175 -1.73 -7.62 13.22
CA PHE B 175 -1.07 -7.54 14.52
C PHE B 175 -0.91 -8.93 15.15
N SER B 176 -1.94 -9.76 15.00
CA SER B 176 -1.90 -11.14 15.51
C SER B 176 -0.86 -11.98 14.79
N LYS B 177 -0.74 -11.79 13.49
CA LYS B 177 0.23 -12.51 12.67
C LYS B 177 1.68 -12.14 13.01
N SER B 178 1.88 -10.90 13.47
CA SER B 178 3.21 -10.42 13.87
C SER B 178 3.68 -10.98 15.21
N LEU B 179 2.77 -11.59 15.96
CA LEU B 179 3.10 -12.25 17.23
C LEU B 179 3.23 -13.78 17.07
N GLY B 180 3.29 -14.25 15.82
CA GLY B 180 3.45 -15.67 15.52
C GLY B 180 2.15 -16.47 15.56
N LEU B 181 1.02 -15.78 15.59
CA LEU B 181 -0.30 -16.42 15.68
C LEU B 181 -0.90 -16.61 14.29
N PRO B 182 -1.14 -17.87 13.87
CA PRO B 182 -1.74 -18.13 12.57
C PRO B 182 -3.25 -17.92 12.56
N GLU B 183 -3.85 -18.08 11.39
CA GLU B 183 -5.30 -17.90 11.21
C GLU B 183 -6.12 -19.05 11.80
N ASN B 184 -5.46 -20.13 12.21
CA ASN B 184 -6.12 -21.27 12.84
C ASN B 184 -6.87 -20.90 14.13
N HIS B 185 -6.34 -19.93 14.87
CA HIS B 185 -7.03 -19.38 16.05
C HIS B 185 -7.04 -17.85 16.10
N ILE B 186 -7.77 -17.26 15.16
CA ILE B 186 -8.10 -15.83 15.17
C ILE B 186 -9.59 -15.69 14.88
N VAL B 187 -10.39 -15.60 15.94
CA VAL B 187 -11.85 -15.62 15.83
C VAL B 187 -12.45 -14.22 15.86
N PHE B 188 -13.46 -14.01 15.02
CA PHE B 188 -14.29 -12.81 15.06
C PHE B 188 -15.70 -13.23 15.48
N PRO B 189 -15.98 -13.23 16.80
CA PRO B 189 -17.21 -13.81 17.33
C PRO B 189 -18.51 -13.20 16.79
N VAL B 190 -19.53 -14.03 16.66
CA VAL B 190 -20.84 -13.61 16.15
C VAL B 190 -21.60 -12.80 17.20
N PRO B 191 -22.03 -11.56 16.84
CA PRO B 191 -22.80 -10.74 17.78
C PRO B 191 -24.13 -11.36 18.22
N ILE B 192 -24.62 -10.92 19.38
CA ILE B 192 -25.93 -11.33 19.90
C ILE B 192 -26.65 -10.15 20.53
N ASP B 193 -27.90 -10.37 20.90
CA ASP B 193 -28.72 -9.34 21.57
C ASP B 193 -29.02 -9.68 23.04
N GLN B 194 -28.53 -10.83 23.51
CA GLN B 194 -28.83 -11.32 24.85
C GLN B 194 -27.78 -10.90 25.88
N CYS B 195 -28.23 -10.13 26.88
CA CYS B 195 -27.44 -9.81 28.09
C CYS B 195 -26.24 -8.87 27.93
N ILE B 196 -25.55 -8.93 26.79
CA ILE B 196 -24.35 -8.11 26.59
C ILE B 196 -24.66 -6.60 26.55
N ASP B 197 -25.89 -6.26 26.17
CA ASP B 197 -26.36 -4.87 26.24
C ASP B 197 -26.91 -4.60 27.64
N GLY B 198 -27.81 -5.47 28.10
CA GLY B 198 -28.40 -5.35 29.43
C GLY B 198 -29.25 -6.55 29.80
N THR C 24 29.57 34.40 -9.84
CA THR C 24 28.66 34.85 -8.74
C THR C 24 29.11 34.22 -7.40
N SER C 25 28.20 34.13 -6.44
CA SER C 25 28.53 33.72 -5.07
C SER C 25 28.70 32.20 -4.91
N ASP C 26 28.98 31.77 -3.68
CA ASP C 26 29.15 30.36 -3.36
C ASP C 26 27.81 29.63 -3.43
N LEU C 27 27.86 28.34 -3.75
CA LEU C 27 26.66 27.51 -3.88
C LEU C 27 26.70 26.32 -2.92
N ILE C 28 25.52 25.92 -2.45
CA ILE C 28 25.37 24.66 -1.75
C ILE C 28 25.70 23.54 -2.74
N PRO C 29 26.51 22.56 -2.32
CA PRO C 29 26.94 21.56 -3.29
C PRO C 29 25.77 20.70 -3.77
N ALA C 30 25.76 20.38 -5.07
CA ALA C 30 24.80 19.43 -5.60
C ALA C 30 25.00 18.09 -4.89
N PRO C 31 23.88 17.44 -4.50
CA PRO C 31 24.01 16.18 -3.77
C PRO C 31 24.43 15.05 -4.69
N PRO C 32 25.00 13.97 -4.12
CA PRO C 32 25.26 12.79 -4.94
C PRO C 32 23.95 12.16 -5.41
N LEU C 33 23.93 11.68 -6.65
CA LEU C 33 22.70 11.12 -7.24
C LEU C 33 22.16 9.91 -6.48
N SER C 34 23.02 9.24 -5.73
CA SER C 34 22.59 8.15 -4.84
C SER C 34 21.53 8.61 -3.82
N LYS C 35 21.58 9.89 -3.44
CA LYS C 35 20.59 10.46 -2.51
C LYS C 35 19.31 10.96 -3.19
N VAL C 36 19.23 10.83 -4.51
CA VAL C 36 18.04 11.21 -5.28
C VAL C 36 17.41 9.97 -5.93
N PRO C 37 16.30 9.46 -5.36
CA PRO C 37 15.65 8.28 -5.92
C PRO C 37 15.07 8.50 -7.32
N LEU C 38 14.82 7.40 -8.03
CA LEU C 38 14.21 7.42 -9.35
C LEU C 38 12.91 6.63 -9.34
N GLN C 39 11.80 7.28 -9.72
CA GLN C 39 10.50 6.61 -9.80
C GLN C 39 10.62 5.32 -10.61
N GLN C 40 10.26 4.18 -10.02
CA GLN C 40 10.41 2.91 -10.71
C GLN C 40 9.23 2.65 -11.64
N ASN C 41 9.55 2.07 -12.81
CA ASN C 41 8.57 1.82 -13.87
C ASN C 41 7.88 3.12 -14.30
N PHE C 42 8.67 4.12 -14.66
CA PHE C 42 8.14 5.42 -15.06
C PHE C 42 7.31 5.31 -16.33
N GLN C 43 6.13 5.93 -16.29
CA GLN C 43 5.18 5.91 -17.40
C GLN C 43 5.09 7.29 -18.03
N ASP C 44 5.76 7.48 -19.16
CA ASP C 44 5.82 8.77 -19.83
C ASP C 44 4.44 9.29 -20.27
N ASN C 45 3.60 8.40 -20.77
CA ASN C 45 2.25 8.74 -21.21
C ASN C 45 1.39 9.29 -20.08
N GLN C 46 1.55 8.73 -18.88
CA GLN C 46 0.77 9.15 -17.72
C GLN C 46 1.29 10.45 -17.10
N PHE C 47 2.55 10.77 -17.36
CA PHE C 47 3.20 11.95 -16.80
C PHE C 47 2.94 13.22 -17.61
N GLN C 48 2.50 13.09 -18.84
CA GLN C 48 2.28 14.25 -19.70
C GLN C 48 1.07 15.04 -19.26
N GLY C 49 0.99 16.29 -19.71
CA GLY C 49 -0.07 17.21 -19.32
C GLY C 49 0.48 18.37 -18.49
N LYS C 50 -0.43 19.17 -17.93
CA LYS C 50 -0.05 20.34 -17.13
C LYS C 50 0.25 19.97 -15.69
N TRP C 51 1.31 20.57 -15.14
CA TRP C 51 1.63 20.50 -13.72
C TRP C 51 1.85 21.91 -13.18
N TYR C 52 1.22 22.23 -12.05
CA TYR C 52 1.47 23.48 -11.36
C TYR C 52 2.67 23.31 -10.42
N VAL C 53 3.54 24.31 -10.37
CA VAL C 53 4.70 24.30 -9.49
C VAL C 53 4.29 24.85 -8.12
N VAL C 54 3.88 23.94 -7.23
CA VAL C 54 3.39 24.31 -5.89
C VAL C 54 4.50 24.31 -4.86
N GLY C 55 5.66 23.76 -5.22
CA GLY C 55 6.84 23.78 -4.36
C GLY C 55 8.10 23.90 -5.19
N LEU C 56 9.07 24.66 -4.70
CA LEU C 56 10.33 24.88 -5.40
C LEU C 56 11.46 24.99 -4.38
N ALA C 57 12.52 24.20 -4.60
CA ALA C 57 13.71 24.24 -3.74
C ALA C 57 14.96 24.01 -4.56
N GLY C 58 16.05 24.66 -4.17
CA GLY C 58 17.32 24.54 -4.89
C GLY C 58 18.38 25.51 -4.41
N ASN C 59 19.62 25.28 -4.85
CA ASN C 59 20.76 26.09 -4.39
C ASN C 59 20.81 27.51 -4.97
N ALA C 60 20.06 27.74 -6.04
CA ALA C 60 19.90 29.09 -6.61
C ALA C 60 18.48 29.61 -6.40
N ILE C 61 17.77 29.02 -5.45
CA ILE C 61 16.42 29.42 -5.08
C ILE C 61 16.44 30.06 -3.69
N LEU C 62 15.86 31.24 -3.57
CA LEU C 62 15.83 31.98 -2.30
C LEU C 62 14.44 32.54 -2.00
N ARG C 63 14.05 32.51 -0.73
CA ARG C 63 12.83 33.17 -0.28
C ARG C 63 12.99 34.68 -0.43
N GLU C 64 11.94 35.33 -0.92
CA GLU C 64 11.91 36.79 -1.02
C GLU C 64 10.62 37.30 -0.39
N ASP C 65 10.69 37.61 0.90
CA ASP C 65 9.52 38.10 1.65
C ASP C 65 8.86 39.31 0.99
N LYS C 66 9.69 40.22 0.45
CA LYS C 66 9.19 41.44 -0.20
C LYS C 66 8.32 41.13 -1.42
N ASP C 67 8.89 40.38 -2.35
CA ASP C 67 8.18 39.98 -3.59
C ASP C 67 8.21 38.46 -3.75
N PRO C 68 7.27 37.75 -3.10
CA PRO C 68 7.21 36.29 -3.13
C PRO C 68 7.07 35.71 -4.54
N GLN C 69 7.69 34.55 -4.75
CA GLN C 69 7.61 33.84 -6.02
C GLN C 69 6.15 33.54 -6.35
N LYS C 70 5.74 33.84 -7.58
CA LYS C 70 4.40 33.55 -8.05
C LYS C 70 4.37 32.17 -8.70
N MET C 71 3.24 31.49 -8.58
CA MET C 71 3.07 30.16 -9.14
C MET C 71 3.17 30.21 -10.67
N TYR C 72 3.85 29.22 -11.22
CA TYR C 72 3.91 29.02 -12.67
C TYR C 72 3.59 27.57 -12.99
N ALA C 73 3.35 27.29 -14.27
CA ALA C 73 2.96 25.96 -14.73
C ALA C 73 3.97 25.42 -15.72
N THR C 74 4.06 24.10 -15.81
CA THR C 74 4.88 23.43 -16.80
C THR C 74 4.05 22.35 -17.48
N ILE C 75 3.94 22.43 -18.80
CA ILE C 75 3.18 21.47 -19.59
C ILE C 75 4.13 20.51 -20.29
N TYR C 76 3.93 19.22 -20.06
CA TYR C 76 4.72 18.16 -20.69
C TYR C 76 3.91 17.53 -21.80
N GLU C 77 4.38 17.61 -23.04
CA GLU C 77 3.70 16.99 -24.19
C GLU C 77 4.57 15.91 -24.81
N LEU C 78 4.10 14.67 -24.75
CA LEU C 78 4.85 13.53 -25.25
C LEU C 78 4.74 13.45 -26.78
N LYS C 79 5.88 13.38 -27.45
CA LYS C 79 5.94 13.31 -28.90
C LYS C 79 6.14 11.87 -29.36
N GLU C 80 5.88 11.60 -30.64
CA GLU C 80 6.13 10.28 -31.24
C GLU C 80 7.60 9.90 -31.10
N ASP C 81 8.45 10.93 -31.18
CA ASP C 81 9.87 10.85 -30.83
C ASP C 81 10.12 10.19 -29.45
N LYS C 82 9.15 10.35 -28.54
CA LYS C 82 9.20 9.91 -27.13
C LYS C 82 10.01 10.85 -26.23
N SER C 83 10.37 12.02 -26.77
CA SER C 83 10.88 13.11 -25.96
C SER C 83 9.72 14.05 -25.65
N TYR C 84 9.89 14.91 -24.65
CA TYR C 84 8.86 15.87 -24.29
C TYR C 84 9.15 17.23 -24.89
N ASN C 85 8.10 17.92 -25.32
CA ASN C 85 8.14 19.38 -25.48
C ASN C 85 7.68 19.96 -24.15
N VAL C 86 8.63 20.52 -23.41
CA VAL C 86 8.35 21.03 -22.07
C VAL C 86 8.20 22.55 -22.14
N THR C 87 6.97 23.02 -21.87
CA THR C 87 6.65 24.44 -21.92
C THR C 87 6.30 24.95 -20.53
N SER C 88 7.09 25.89 -20.04
CA SER C 88 6.82 26.55 -18.76
C SER C 88 6.17 27.91 -19.02
N VAL C 89 5.11 28.19 -18.27
CA VAL C 89 4.33 29.42 -18.42
C VAL C 89 4.33 30.20 -17.10
N LEU C 90 4.94 31.37 -17.10
CA LEU C 90 5.08 32.19 -15.89
C LEU C 90 4.55 33.61 -16.11
N PHE C 91 4.07 34.22 -15.04
CA PHE C 91 3.60 35.61 -15.07
C PHE C 91 4.75 36.52 -14.62
N ARG C 92 5.33 37.24 -15.58
CA ARG C 92 6.56 38.01 -15.37
C ARG C 92 6.45 39.38 -16.03
N LYS C 93 6.59 40.44 -15.24
CA LYS C 93 6.54 41.82 -15.73
C LYS C 93 5.23 42.12 -16.46
N LYS C 94 4.11 41.81 -15.80
CA LYS C 94 2.77 42.05 -16.34
C LYS C 94 2.46 41.31 -17.66
N LYS C 95 3.31 40.36 -18.04
CA LYS C 95 3.13 39.58 -19.26
C LYS C 95 3.26 38.08 -18.97
N CYS C 96 2.79 37.27 -19.91
CA CYS C 96 2.95 35.82 -19.83
C CYS C 96 4.21 35.41 -20.57
N ASP C 97 5.18 34.85 -19.83
CA ASP C 97 6.41 34.34 -20.43
C ASP C 97 6.25 32.86 -20.73
N TYR C 98 6.70 32.47 -21.92
CA TYR C 98 6.65 31.09 -22.37
C TYR C 98 8.06 30.60 -22.63
N TRP C 99 8.41 29.48 -22.00
CA TRP C 99 9.77 28.97 -21.98
C TRP C 99 9.73 27.49 -22.39
N ILE C 100 10.08 27.25 -23.66
CA ILE C 100 9.96 25.94 -24.29
C ILE C 100 11.32 25.26 -24.49
N ARG C 101 11.42 24.00 -24.06
CA ARG C 101 12.60 23.17 -24.31
C ARG C 101 12.21 21.73 -24.58
N THR C 102 13.20 20.92 -24.95
CA THR C 102 13.01 19.50 -25.23
C THR C 102 13.72 18.63 -24.21
N PHE C 103 12.98 17.69 -23.62
CA PHE C 103 13.53 16.70 -22.70
C PHE C 103 13.64 15.36 -23.43
N VAL C 104 14.87 14.95 -23.73
CA VAL C 104 15.13 13.67 -24.40
C VAL C 104 15.31 12.58 -23.33
N PRO C 105 14.71 11.39 -23.55
CA PRO C 105 14.87 10.32 -22.56
C PRO C 105 16.33 9.97 -22.29
N GLY C 106 16.65 9.84 -21.00
CA GLY C 106 18.02 9.57 -20.57
C GLY C 106 18.32 8.10 -20.40
N SER C 107 19.31 7.80 -19.58
CA SER C 107 19.81 6.43 -19.39
C SER C 107 18.78 5.50 -18.76
N GLN C 108 17.95 6.07 -17.88
CA GLN C 108 16.88 5.31 -17.21
C GLN C 108 15.53 5.94 -17.53
N PRO C 109 14.46 5.12 -17.60
CA PRO C 109 13.14 5.71 -17.71
C PRO C 109 12.85 6.62 -16.52
N GLY C 110 12.46 7.86 -16.79
CA GLY C 110 12.26 8.86 -15.75
C GLY C 110 13.35 9.92 -15.76
N GLU C 111 14.54 9.55 -16.22
CA GLU C 111 15.64 10.51 -16.42
C GLU C 111 15.55 11.15 -17.80
N PHE C 112 15.96 12.41 -17.90
CA PHE C 112 15.97 13.12 -19.18
C PHE C 112 17.19 14.03 -19.33
N THR C 113 17.62 14.21 -20.57
CA THR C 113 18.64 15.19 -20.93
C THR C 113 17.98 16.30 -21.74
N LEU C 114 18.64 17.44 -21.81
CA LEU C 114 18.11 18.58 -22.57
C LEU C 114 18.46 18.46 -24.05
N GLY C 115 17.44 18.60 -24.90
CA GLY C 115 17.62 18.56 -26.34
C GLY C 115 18.27 19.82 -26.87
N ASN C 116 19.20 19.66 -27.80
CA ASN C 116 19.96 20.77 -28.41
C ASN C 116 20.60 21.66 -27.35
N ILE C 117 21.51 21.07 -26.57
CA ILE C 117 22.17 21.76 -25.46
C ILE C 117 23.15 22.86 -25.94
N LYS C 118 23.71 22.68 -27.13
CA LYS C 118 24.68 23.64 -27.69
C LYS C 118 24.07 25.01 -27.99
N SER C 119 22.75 25.07 -28.07
CA SER C 119 22.03 26.35 -28.28
C SER C 119 21.73 27.08 -26.97
N TYR C 120 22.37 26.67 -25.87
CA TYR C 120 22.25 27.35 -24.59
C TYR C 120 23.63 27.79 -24.10
N PRO C 121 23.94 29.10 -24.26
CA PRO C 121 25.26 29.62 -23.88
C PRO C 121 25.69 29.24 -22.48
N GLY C 122 26.87 28.65 -22.37
CA GLY C 122 27.45 28.27 -21.08
C GLY C 122 27.03 26.91 -20.54
N LEU C 123 25.90 26.39 -21.03
CA LEU C 123 25.35 25.14 -20.53
C LEU C 123 26.11 23.93 -21.09
N THR C 124 26.88 23.29 -20.22
CA THR C 124 27.65 22.09 -20.56
C THR C 124 26.97 20.80 -20.09
N SER C 125 26.04 20.92 -19.16
CA SER C 125 25.36 19.76 -18.60
C SER C 125 23.94 20.08 -18.12
N TYR C 126 23.05 19.09 -18.24
CA TYR C 126 21.66 19.22 -17.81
C TYR C 126 21.05 17.85 -17.57
N LEU C 127 20.48 17.64 -16.40
CA LEU C 127 19.87 16.36 -16.05
C LEU C 127 18.52 16.56 -15.38
N VAL C 128 17.56 15.72 -15.73
CA VAL C 128 16.26 15.68 -15.07
C VAL C 128 16.03 14.27 -14.55
N ARG C 129 15.48 14.15 -13.35
CA ARG C 129 15.10 12.87 -12.76
C ARG C 129 13.80 12.99 -11.98
N VAL C 130 12.77 12.27 -12.42
CA VAL C 130 11.51 12.21 -11.69
C VAL C 130 11.70 11.34 -10.46
N VAL C 131 11.63 11.96 -9.28
CA VAL C 131 11.91 11.27 -8.02
C VAL C 131 10.75 10.36 -7.64
N SER C 132 9.55 10.93 -7.66
CA SER C 132 8.34 10.16 -7.38
C SER C 132 7.11 10.87 -7.94
N THR C 133 6.10 10.08 -8.30
CA THR C 133 4.84 10.62 -8.79
C THR C 133 3.73 9.57 -8.71
N ASN C 134 2.49 10.03 -8.56
CA ASN C 134 1.32 9.17 -8.69
C ASN C 134 0.52 9.50 -9.96
N TYR C 135 1.04 10.44 -10.75
CA TYR C 135 0.50 10.79 -12.08
C TYR C 135 -0.83 11.56 -12.12
N ASN C 136 -1.66 11.42 -11.08
CA ASN C 136 -2.97 12.10 -11.03
C ASN C 136 -2.99 13.33 -10.13
N GLN C 137 -2.14 13.36 -9.11
CA GLN C 137 -2.17 14.42 -8.11
C GLN C 137 -0.86 15.21 -8.05
N HIS C 138 0.23 14.50 -7.83
CA HIS C 138 1.51 15.13 -7.50
C HIS C 138 2.72 14.44 -8.13
N ALA C 139 3.84 15.17 -8.13
CA ALA C 139 5.11 14.66 -8.62
C ALA C 139 6.27 15.45 -8.02
N MET C 140 7.39 14.78 -7.79
CA MET C 140 8.64 15.44 -7.39
C MET C 140 9.68 15.16 -8.45
N VAL C 141 10.28 16.23 -8.99
CA VAL C 141 11.27 16.11 -10.06
C VAL C 141 12.56 16.83 -9.70
N PHE C 142 13.68 16.13 -9.90
CA PHE C 142 15.01 16.66 -9.59
C PHE C 142 15.64 17.16 -10.88
N PHE C 143 16.22 18.37 -10.83
CA PHE C 143 16.92 18.93 -11.97
C PHE C 143 18.34 19.31 -11.55
N LYS C 144 19.30 19.10 -12.45
CA LYS C 144 20.69 19.49 -12.21
C LYS C 144 21.29 20.05 -13.49
N ALA C 145 21.90 21.23 -13.39
CA ALA C 145 22.47 21.91 -14.55
C ALA C 145 23.81 22.49 -14.20
N VAL C 146 24.74 22.42 -15.15
CA VAL C 146 26.04 23.05 -14.97
C VAL C 146 26.15 24.13 -16.01
N SER C 147 26.20 25.37 -15.55
CA SER C 147 26.18 26.44 -16.49
C SER C 147 27.16 27.58 -16.31
N GLN C 148 28.18 27.67 -17.17
CA GLN C 148 29.48 28.14 -16.61
C GLN C 148 30.09 27.49 -15.44
N ASN C 149 30.21 26.18 -15.55
CA ASN C 149 30.98 25.42 -14.60
C ASN C 149 30.48 25.56 -13.18
N ARG C 150 29.31 26.16 -13.06
CA ARG C 150 28.60 26.24 -11.80
C ARG C 150 27.50 25.22 -11.77
N GLU C 151 27.52 24.37 -10.77
CA GLU C 151 26.55 23.30 -10.69
C GLU C 151 25.30 23.71 -9.90
N TYR C 152 24.22 23.98 -10.63
CA TYR C 152 22.93 24.28 -10.03
C TYR C 152 22.10 23.01 -9.91
N PHE C 153 21.23 22.98 -8.91
CA PHE C 153 20.25 21.91 -8.78
C PHE C 153 18.99 22.41 -8.08
N LYS C 154 17.85 21.83 -8.45
CA LYS C 154 16.58 22.19 -7.83
C LYS C 154 15.64 20.99 -7.80
N ILE C 155 14.68 21.05 -6.87
CA ILE C 155 13.60 20.07 -6.80
C ILE C 155 12.29 20.85 -6.93
N THR C 156 11.41 20.38 -7.80
CA THR C 156 10.08 20.98 -7.93
C THR C 156 9.03 20.02 -7.40
N LEU C 157 8.07 20.56 -6.65
CA LEU C 157 6.91 19.81 -6.19
C LEU C 157 5.78 20.08 -7.15
N TYR C 158 5.52 19.15 -8.06
CA TYR C 158 4.50 19.33 -9.08
C TYR C 158 3.12 18.97 -8.52
N GLY C 159 2.12 19.77 -8.90
CA GLY C 159 0.73 19.54 -8.51
C GLY C 159 -0.19 19.57 -9.73
N ARG C 160 -1.12 18.63 -9.77
CA ARG C 160 -2.12 18.59 -10.84
C ARG C 160 -3.12 19.75 -10.67
N THR C 161 -3.32 20.15 -9.41
CA THR C 161 -4.06 21.36 -9.06
C THR C 161 -3.11 22.35 -8.39
N LYS C 162 -3.60 23.55 -8.11
CA LYS C 162 -2.77 24.61 -7.52
C LYS C 162 -2.48 24.41 -6.04
N GLU C 163 -3.29 23.60 -5.38
CA GLU C 163 -3.11 23.32 -3.94
C GLU C 163 -2.66 21.88 -3.73
N LEU C 164 -1.97 21.65 -2.62
CA LEU C 164 -1.61 20.31 -2.19
C LEU C 164 -1.62 20.19 -0.67
N THR C 165 -1.75 18.96 -0.20
CA THR C 165 -1.88 18.68 1.22
C THR C 165 -0.62 19.01 2.01
N SER C 166 -0.78 19.17 3.33
CA SER C 166 0.34 19.38 4.24
C SER C 166 1.31 18.21 4.22
N GLU C 167 0.76 17.01 4.11
CA GLU C 167 1.56 15.77 4.07
C GLU C 167 2.56 15.81 2.92
N LEU C 168 2.09 16.16 1.73
CA LEU C 168 2.94 16.25 0.55
C LEU C 168 3.96 17.39 0.65
N LYS C 169 3.55 18.48 1.28
CA LYS C 169 4.44 19.63 1.49
C LYS C 169 5.58 19.31 2.46
N GLU C 170 5.24 18.73 3.60
CA GLU C 170 6.23 18.35 4.61
C GLU C 170 7.20 17.28 4.09
N ASN C 171 6.67 16.40 3.24
CA ASN C 171 7.48 15.39 2.56
C ASN C 171 8.48 16.03 1.60
N PHE C 172 8.04 17.10 0.93
CA PHE C 172 8.89 17.87 0.03
C PHE C 172 9.98 18.61 0.79
N ILE C 173 9.62 19.18 1.94
CA ILE C 173 10.57 19.87 2.81
C ILE C 173 11.61 18.91 3.39
N ARG C 174 11.18 17.70 3.75
CA ARG C 174 12.08 16.67 4.27
C ARG C 174 13.10 16.23 3.22
N PHE C 175 12.63 16.01 1.99
CA PHE C 175 13.50 15.58 0.90
C PHE C 175 14.49 16.68 0.51
N SER C 176 13.99 17.91 0.40
CA SER C 176 14.84 19.06 0.10
C SER C 176 15.97 19.20 1.12
N LYS C 177 15.63 19.10 2.40
CA LYS C 177 16.61 19.21 3.48
C LYS C 177 17.57 18.02 3.53
N SER C 178 17.12 16.85 3.07
CA SER C 178 18.00 15.68 2.99
C SER C 178 19.07 15.84 1.91
N LEU C 179 18.81 16.70 0.92
CA LEU C 179 19.79 17.03 -0.12
C LEU C 179 20.70 18.21 0.28
N GLY C 180 20.56 18.71 1.50
CA GLY C 180 21.44 19.75 2.05
C GLY C 180 20.93 21.17 1.94
N LEU C 181 19.68 21.33 1.52
CA LEU C 181 19.10 22.67 1.38
C LEU C 181 18.48 23.14 2.69
N PRO C 182 18.85 24.35 3.15
CA PRO C 182 18.22 24.92 4.35
C PRO C 182 16.85 25.50 4.02
N GLU C 183 16.14 25.99 5.02
CA GLU C 183 14.74 26.38 4.85
C GLU C 183 14.53 27.60 3.94
N ASN C 184 15.46 28.54 3.98
CA ASN C 184 15.36 29.73 3.12
C ASN C 184 15.63 29.45 1.64
N HIS C 185 16.07 28.22 1.33
CA HIS C 185 16.18 27.77 -0.06
C HIS C 185 15.00 26.88 -0.49
N ILE C 186 13.90 26.94 0.28
CA ILE C 186 12.69 26.17 -0.02
C ILE C 186 11.50 27.13 -0.09
N VAL C 187 10.88 27.20 -1.27
CA VAL C 187 9.81 28.17 -1.54
C VAL C 187 8.52 27.50 -2.00
N PHE C 188 7.40 28.11 -1.63
CA PHE C 188 6.07 27.66 -2.06
C PHE C 188 5.37 28.77 -2.82
N PRO C 189 5.49 28.76 -4.16
CA PRO C 189 4.90 29.79 -5.01
C PRO C 189 3.42 30.06 -4.72
N VAL C 190 3.05 31.34 -4.67
CA VAL C 190 1.67 31.73 -4.36
C VAL C 190 0.78 31.50 -5.58
N PRO C 191 -0.35 30.79 -5.39
CA PRO C 191 -1.27 30.55 -6.51
C PRO C 191 -1.78 31.84 -7.16
N ILE C 192 -1.77 31.87 -8.49
CA ILE C 192 -2.32 32.99 -9.25
C ILE C 192 -3.21 32.48 -10.38
N ASP C 193 -3.99 33.37 -10.97
CA ASP C 193 -4.92 33.01 -12.05
C ASP C 193 -4.44 33.44 -13.44
N GLN C 194 -3.55 34.42 -13.51
CA GLN C 194 -3.09 34.94 -14.81
C GLN C 194 -2.04 34.03 -15.46
N CYS C 195 -2.24 33.77 -16.75
CA CYS C 195 -1.33 32.97 -17.62
C CYS C 195 -1.45 31.44 -17.49
N ILE C 196 -1.48 30.94 -16.26
CA ILE C 196 -1.32 29.50 -16.01
C ILE C 196 -2.61 28.67 -16.03
N ASP C 197 -3.74 29.29 -16.37
CA ASP C 197 -5.03 28.59 -16.50
C ASP C 197 -5.56 28.66 -17.92
FE FE D . -1.14 -19.05 -17.17
NA NA E . 0.83 -18.19 -12.38
S SO4 F . 0.08 -13.03 -15.06
O1 SO4 F . 0.26 -12.41 -13.75
O2 SO4 F . -1.32 -13.37 -15.24
O3 SO4 F . 0.52 -12.12 -16.11
O4 SO4 F . 0.87 -14.26 -15.12
S SO4 G . -7.41 -26.32 0.53
O1 SO4 G . -6.61 -25.18 1.00
O2 SO4 G . -8.83 -26.03 0.69
O3 SO4 G . -7.11 -26.56 -0.88
O4 SO4 G . -7.05 -27.50 1.31
O6 EB4 H . 0.64 -17.03 -16.59
O4 EB4 H . -3.33 -18.36 -17.06
O5 EB4 H . -1.29 -19.10 -19.44
N1 EB4 H . -2.09 -22.26 -13.84
C5 EB4 H . -1.60 -20.32 -19.96
C4 EB4 H . -3.95 -19.07 -16.07
C1 EB4 H . -3.21 -19.86 -15.21
C2 EB4 H . -1.89 -21.38 -19.09
C6 EB4 H . 1.72 -17.75 -16.20
C8 EB4 H . -1.63 -20.51 -21.33
N2 EB4 H . -1.64 -24.20 -17.80
C9 EB4 H . 2.82 -17.11 -15.65
C10 EB4 H . -5.97 -19.75 -14.93
O3 EB4 H . 0.64 -19.74 -16.91
N3 EB4 H . 2.22 -22.13 -15.25
C16 EB4 H . -3.83 -20.60 -14.21
C7 EB4 H . -5.34 -19.02 -15.93
C3 EB4 H . 1.73 -19.13 -16.36
C11 EB4 H . -1.95 -21.76 -21.85
O1 EB4 H . -1.85 -19.90 -15.38
O2 EB4 H . -1.86 -21.17 -17.75
C12 EB4 H . 3.93 -17.86 -15.26
C15 EB4 H . 3.94 -19.25 -15.42
C14 EB4 H . -2.25 -22.82 -20.99
C13 EB4 H . -5.21 -20.53 -14.07
O7 EB4 H . -3.18 -21.36 -12.09
C19 EB4 H . -3.00 -21.44 -13.30
C22 EB4 H . -1.19 -23.12 -13.07
C25 EB4 H . 0.20 -22.52 -13.08
O10 EB4 H . 0.34 -21.31 -13.14
O15 EB4 H . 1.42 -23.34 -12.98
C30 EB4 H . 2.00 -24.18 -13.99
C24 EB4 H . 2.13 -23.57 -15.39
C21 EB4 H . 2.81 -21.36 -16.17
C18 EB4 H . 2.83 -19.87 -15.97
O9 EB4 H . 3.33 -21.82 -17.17
C27 EB4 H . 0.96 -23.90 -16.31
O12 EB4 H . 0.27 -22.98 -16.71
C28 EB4 H . -1.15 -24.49 -13.72
O13 EB4 H . -2.37 -24.95 -14.27
C26 EB4 H . -2.69 -24.73 -15.67
O11 EB4 H . -3.67 -24.04 -15.88
C23 EB4 H . -1.91 -25.28 -16.85
C29 EB4 H . -0.57 -25.97 -16.50
O14 EB4 H . 0.65 -25.25 -16.77
C20 EB4 H . -2.54 -23.76 -18.69
O8 EB4 H . -3.65 -24.25 -18.77
C17 EB4 H . -2.21 -22.62 -19.61
C1 GOL I . -6.52 6.36 -8.20
O1 GOL I . -6.58 7.78 -8.25
C2 GOL I . -7.62 5.83 -7.28
O2 GOL I . -8.87 6.28 -7.77
C3 GOL I . -7.55 4.31 -7.23
O3 GOL I . -8.73 3.74 -6.73
FE FE J . -9.68 -15.31 30.47
NA NA K . -11.92 -9.54 27.76
O17 DBH L . -7.87 -18.67 27.96
C21 DBH L . -6.99 -18.01 27.38
O9 DBH L . -6.61 -18.31 26.23
C18 DBH L . -6.36 -16.82 28.08
C15 DBH L . -5.08 -16.40 27.72
C12 DBH L . -4.49 -15.32 28.35
C3 DBH L . -7.05 -16.15 29.09
O3 DBH L . -8.29 -16.55 29.46
C6 DBH L . -6.46 -15.06 29.73
C9 DBH L . -5.19 -14.65 29.36
O6 DBH L . -7.13 -14.41 30.72
O17 DBH M . -10.14 -19.85 30.76
C21 DBH M . -9.82 -19.96 31.97
O9 DBH M . -10.23 -20.93 32.66
C18 DBH M . -8.96 -18.93 32.61
C15 DBH M . -7.88 -19.33 33.41
C12 DBH M . -7.07 -18.37 34.02
C3 DBH M . -9.21 -17.58 32.42
O3 DBH M . -10.25 -17.19 31.63
C6 DBH M . -8.40 -16.62 33.01
C9 DBH M . -7.33 -17.01 33.81
O6 DBH M . -8.64 -15.30 32.82
FE FE N . 15.94 25.88 -15.78
NA NA O . 9.76 23.20 -13.93
NA NA P . 12.92 27.91 -11.56
NA NA Q . -0.59 7.78 -3.69
NA NA R . 8.40 39.38 -11.61
NA NA S . 4.66 29.19 3.06
S SO4 T . 22.45 30.13 2.87
O1 SO4 T . 23.24 31.19 3.51
O2 SO4 T . 21.13 30.08 3.49
O3 SO4 T . 22.31 30.43 1.44
O4 SO4 T . 23.13 28.85 3.05
O6 EB4 U . 16.33 24.20 -14.89
O4 EB4 U . 16.23 24.94 -17.80
O5 EB4 U . 13.88 25.46 -15.55
N1 EB4 U . 19.55 28.82 -16.61
C5 EB4 U . 13.21 26.63 -15.48
C4 EB4 U . 17.42 25.45 -18.27
C1 EB4 U . 18.16 26.30 -17.46
C2 EB4 U . 13.91 27.84 -15.50
C6 EB4 U . 17.09 24.31 -13.78
C8 EB4 U . 11.82 26.63 -15.39
N2 EB4 U . 15.10 30.48 -14.78
C9 EB4 U . 17.74 23.18 -13.26
C10 EB4 U . 19.05 25.64 -20.02
O3 EB4 U . 16.58 26.61 -13.65
N3 EB4 U . 18.58 27.98 -12.04
C16 EB4 U . 19.37 26.81 -17.94
C7 EB4 U . 17.85 25.12 -19.55
C3 EB4 U . 17.22 25.53 -13.14
C11 EB4 U . 11.13 27.84 -15.32
O1 EB4 U . 17.71 26.62 -16.21
O2 EB4 U . 15.26 27.81 -15.59
C12 EB4 U . 18.52 23.29 -12.13
C15 EB4 U . 18.65 24.51 -11.49
C14 EB4 U . 11.82 29.03 -15.33
C13 EB4 U . 19.80 26.49 -19.22
O7 EB4 U . 21.35 27.49 -16.86
C19 EB4 U . 20.19 27.74 -17.08
C22 EB4 U . 20.11 29.88 -15.77
C25 EB4 U . 20.98 29.42 -14.62
O10 EB4 U . 22.18 29.48 -14.71
O15 EB4 U . 20.39 28.92 -13.38
C30 EB4 U . 20.10 29.79 -12.28
C24 EB4 U . 18.84 29.33 -11.53
C21 EB4 U . 18.16 26.96 -11.30
C18 EB4 U . 17.99 25.64 -11.99
O9 EB4 U . 17.95 27.03 -10.10
C27 EB4 U . 17.71 30.31 -11.69
O12 EB4 U . 17.41 31.02 -10.74
C28 EB4 U . 18.89 30.59 -15.19
O13 EB4 U . 17.90 30.89 -16.16
C26 EB4 U . 16.86 31.87 -15.86
O11 EB4 U . 16.82 32.88 -16.57
C23 EB4 U . 15.87 31.72 -14.73
C29 EB4 U . 16.56 31.75 -13.37
O14 EB4 U . 16.93 30.44 -12.91
C20 EB4 U . 13.95 30.36 -15.44
O8 EB4 U . 13.45 31.29 -16.06
C17 EB4 U . 13.22 29.04 -15.43
C1 GOL V . 23.10 17.18 -21.15
O1 GOL V . 22.61 17.13 -22.46
C2 GOL V . 23.73 15.84 -20.76
O2 GOL V . 24.68 15.49 -21.73
C3 GOL V . 24.36 15.95 -19.38
O3 GOL V . 25.20 14.84 -19.07
C1 GOL W . 15.71 30.35 -19.75
O1 GOL W . 15.31 30.62 -18.42
C2 GOL W . 17.23 30.37 -19.84
O2 GOL W . 17.76 29.22 -19.22
C3 GOL W . 17.65 30.42 -21.31
O3 GOL W . 19.05 30.43 -21.45
#